data_3UUX
#
_entry.id   3UUX
#
_cell.length_a   174.676
_cell.length_b   174.676
_cell.length_c   167.301
_cell.angle_alpha   90.000
_cell.angle_beta   90.000
_cell.angle_gamma   90.000
#
_symmetry.space_group_name_H-M   'I 4 2 2'
#
loop_
_entity.id
_entity.type
_entity.pdbx_description
1 polymer 'Mitochondria fission 1 protein'
2 polymer 'Mitochondrial division protein 1'
#
loop_
_entity_poly.entity_id
_entity_poly.type
_entity_poly.pdbx_seq_one_letter_code
_entity_poly.pdbx_strand_id
1 'polypeptide(L)'
;MTKVDFWPTLKDAYEPLYPQQLEILRQQVVSEGGPTATIQSRFNYAWGLIKSTDVNDERLGVKILTDIYKEAESRRRECL
YYLTIGCYKLGEYSMAKRYVDTLFEHERNNKQVGALKSMVEDKIQKETL
;
A,C
2 'polypeptide(L)'
;MGSSHHHHHHSSGLVPRGSHMDNKTCFRMLTYISDDLLNEIPTKEGLKSDADGKLLTEGGENENLRKNASKKETSLFQGF
KSYLPIAELAIENTERLNYDTNGTSGTVGAKDVMSKTNERDEIHTELPNFQDSFLIPPGVETAAISSSYSPSALKSFSQT
LVNSLEFLNIQKNSTLSEIRDIEVEVENLRQKKEKLLGKIANIEQNQLLLEDNLKQIDDRLDFLEEYGLEVIEANSDENA
ED
;
B,D
#
# COMPACT_ATOMS: atom_id res chain seq x y z
N LYS A 3 -0.84 2.72 27.38
CA LYS A 3 0.36 1.90 27.72
C LYS A 3 1.05 1.36 26.44
N VAL A 4 1.50 2.31 25.59
CA VAL A 4 1.95 2.06 24.19
C VAL A 4 3.47 1.76 23.99
N ASP A 5 3.68 0.71 23.17
CA ASP A 5 4.90 -0.07 22.94
C ASP A 5 6.17 0.68 22.46
N PHE A 6 7.27 -0.10 22.36
CA PHE A 6 8.50 0.35 21.70
C PHE A 6 8.32 0.39 20.19
N TRP A 7 7.56 -0.59 19.68
CA TRP A 7 7.32 -0.70 18.25
C TRP A 7 5.89 -0.58 17.79
N PRO A 8 5.63 0.43 16.93
CA PRO A 8 4.30 0.77 16.42
C PRO A 8 3.76 -0.36 15.58
N THR A 9 2.48 -0.72 15.75
CA THR A 9 1.90 -1.84 14.96
C THR A 9 1.76 -1.36 13.56
N LEU A 10 1.74 -2.31 12.63
CA LEU A 10 1.50 -1.94 11.26
C LEU A 10 0.10 -1.34 11.12
N LYS A 11 -0.86 -1.85 11.88
CA LYS A 11 -2.19 -1.26 11.82
C LYS A 11 -2.09 0.21 12.26
N ASP A 12 -1.32 0.46 13.33
CA ASP A 12 -1.10 1.82 13.83
C ASP A 12 -0.69 2.74 12.66
N ALA A 13 0.22 2.22 11.83
CA ALA A 13 0.77 2.98 10.70
C ALA A 13 -0.24 3.26 9.63
N TYR A 14 -1.41 2.65 9.76
CA TYR A 14 -2.44 2.80 8.74
C TYR A 14 -3.55 3.81 9.00
N GLU A 15 -3.85 4.06 10.27
CA GLU A 15 -4.77 5.13 10.67
C GLU A 15 -4.04 6.48 10.64
N PRO A 16 -4.59 7.46 9.90
CA PRO A 16 -3.84 8.70 9.79
C PRO A 16 -3.98 9.62 10.99
N LEU A 17 -3.60 10.88 10.78
CA LEU A 17 -3.79 11.90 11.77
C LEU A 17 -4.83 12.85 11.18
N TYR A 18 -5.52 13.58 12.04
CA TYR A 18 -6.37 14.65 11.54
C TYR A 18 -5.44 15.74 11.05
N PRO A 19 -5.66 16.21 9.81
CA PRO A 19 -4.78 17.18 9.12
C PRO A 19 -4.26 18.28 10.06
N GLN A 20 -5.12 18.70 11.00
CA GLN A 20 -4.76 19.55 12.13
C GLN A 20 -3.51 18.97 12.80
N GLN A 21 -3.59 17.72 13.24
CA GLN A 21 -2.51 17.03 13.93
C GLN A 21 -1.24 16.89 13.12
N LEU A 22 -1.39 16.65 11.82
CA LEU A 22 -0.25 16.48 10.92
C LEU A 22 0.44 17.82 10.83
N GLU A 23 -0.38 18.85 10.71
CA GLU A 23 0.10 20.21 10.61
C GLU A 23 0.86 20.64 11.86
N ILE A 24 0.26 20.37 13.01
CA ILE A 24 0.89 20.60 14.30
C ILE A 24 2.35 20.08 14.25
N LEU A 25 2.50 18.84 13.83
CA LEU A 25 3.79 18.19 13.77
C LEU A 25 4.72 18.91 12.87
N ARG A 26 4.21 19.45 11.79
CA ARG A 26 5.04 20.19 10.86
C ARG A 26 5.45 21.48 11.50
N GLN A 27 4.45 22.28 11.88
CA GLN A 27 4.69 23.57 12.52
C GLN A 27 5.84 23.42 13.52
N GLN A 28 5.75 22.38 14.37
CA GLN A 28 6.81 22.03 15.30
C GLN A 28 8.19 21.76 14.66
N VAL A 29 8.23 21.09 13.52
CA VAL A 29 9.50 20.81 12.85
C VAL A 29 9.99 22.10 12.21
N VAL A 30 9.05 22.91 11.73
CA VAL A 30 9.37 24.22 11.17
C VAL A 30 10.21 24.98 12.21
N SER A 31 9.61 25.19 13.38
CA SER A 31 10.20 25.93 14.48
C SER A 31 11.54 25.37 14.97
N GLU A 32 11.69 24.06 15.12
CA GLU A 32 13.00 23.50 15.48
C GLU A 32 14.02 23.79 14.37
N GLY A 33 13.51 24.03 13.16
CA GLY A 33 14.32 24.53 12.04
C GLY A 33 14.52 23.55 10.91
N GLY A 34 13.41 23.08 10.33
CA GLY A 34 13.40 22.06 9.26
C GLY A 34 14.59 21.13 9.35
N PRO A 35 15.60 21.36 8.49
CA PRO A 35 16.82 20.55 8.49
C PRO A 35 17.75 20.58 9.73
N THR A 36 17.49 21.45 10.71
CA THR A 36 18.28 21.39 11.95
C THR A 36 17.50 20.82 13.14
N ALA A 37 16.18 20.61 12.94
CA ALA A 37 15.27 20.16 13.98
C ALA A 37 15.72 18.86 14.61
N THR A 38 15.27 18.58 15.83
CA THR A 38 15.71 17.37 16.53
C THR A 38 15.27 16.13 15.79
N ILE A 39 16.10 15.09 15.83
CA ILE A 39 15.73 13.80 15.27
C ILE A 39 14.27 13.53 15.69
N GLN A 40 14.00 13.50 17.00
CA GLN A 40 12.66 13.15 17.46
C GLN A 40 11.58 13.89 16.69
N SER A 41 11.61 15.21 16.67
CA SER A 41 10.48 15.98 16.10
C SER A 41 10.42 15.90 14.62
N ARG A 42 11.55 15.58 14.02
CA ARG A 42 11.63 15.41 12.61
C ARG A 42 10.97 14.06 12.33
N PHE A 43 11.28 13.05 13.13
CA PHE A 43 10.67 11.75 12.93
C PHE A 43 9.23 11.86 13.17
N ASN A 44 8.89 12.44 14.29
CA ASN A 44 7.54 12.40 14.61
C ASN A 44 6.66 13.01 13.60
N TYR A 45 7.24 13.88 12.77
CA TYR A 45 6.52 14.38 11.64
C TYR A 45 6.54 13.37 10.54
N ALA A 46 7.67 12.71 10.34
CA ALA A 46 7.76 11.73 9.28
C ALA A 46 6.72 10.67 9.52
N TRP A 47 6.65 10.21 10.77
CA TRP A 47 5.70 9.18 11.14
C TRP A 47 4.34 9.56 10.68
N GLY A 48 3.94 10.76 11.05
CA GLY A 48 2.63 11.28 10.72
C GLY A 48 2.42 11.28 9.24
N LEU A 49 3.49 11.53 8.50
CA LEU A 49 3.40 11.53 7.05
C LEU A 49 3.13 10.15 6.47
N ILE A 50 3.85 9.16 7.01
CA ILE A 50 3.73 7.79 6.59
C ILE A 50 2.37 7.35 7.06
N LYS A 51 1.99 7.84 8.24
CA LYS A 51 0.69 7.54 8.83
C LYS A 51 -0.45 8.11 7.95
N SER A 52 -0.22 9.23 7.28
CA SER A 52 -1.18 9.75 6.30
C SER A 52 -1.40 8.78 5.16
N THR A 53 -2.39 9.10 4.35
CA THR A 53 -2.77 8.24 3.25
C THR A 53 -2.57 8.92 1.91
N ASP A 54 -1.84 10.01 1.88
CA ASP A 54 -1.46 10.63 0.60
C ASP A 54 -0.08 10.09 0.21
N VAL A 55 0.01 9.51 -0.98
CA VAL A 55 1.29 8.97 -1.49
C VAL A 55 2.44 9.94 -1.31
N ASN A 56 2.26 11.20 -1.71
CA ASN A 56 3.28 12.25 -1.56
C ASN A 56 3.70 12.54 -0.13
N ASP A 57 2.73 12.61 0.77
CA ASP A 57 3.02 12.77 2.20
C ASP A 57 3.97 11.67 2.66
N GLU A 58 3.57 10.43 2.37
CA GLU A 58 4.34 9.25 2.71
C GLU A 58 5.74 9.36 2.16
N ARG A 59 5.85 9.77 0.92
CA ARG A 59 7.17 9.82 0.28
C ARG A 59 8.11 10.73 1.08
N LEU A 60 7.59 11.86 1.51
CA LEU A 60 8.36 12.66 2.38
C LEU A 60 8.68 11.88 3.62
N GLY A 61 7.68 11.20 4.18
CA GLY A 61 7.86 10.46 5.41
C GLY A 61 9.05 9.53 5.35
N VAL A 62 9.17 8.81 4.25
CA VAL A 62 10.31 7.96 4.06
C VAL A 62 11.55 8.81 3.93
N LYS A 63 11.47 9.84 3.10
CA LYS A 63 12.65 10.65 2.86
C LYS A 63 13.14 11.18 4.21
N ILE A 64 12.20 11.66 5.01
CA ILE A 64 12.51 12.18 6.33
C ILE A 64 13.22 11.09 7.07
N LEU A 65 12.62 9.92 7.10
CA LEU A 65 13.17 8.82 7.87
C LEU A 65 14.52 8.43 7.35
N THR A 66 14.72 8.43 6.02
CA THR A 66 16.03 8.00 5.53
C THR A 66 17.09 9.02 5.91
N ASP A 67 16.71 10.29 5.94
CA ASP A 67 17.61 11.30 6.48
C ASP A 67 18.00 11.06 7.93
N ILE A 68 17.00 10.80 8.77
CA ILE A 68 17.23 10.41 10.16
C ILE A 68 18.17 9.24 10.22
N TYR A 69 17.94 8.23 9.39
CA TYR A 69 18.76 7.05 9.39
C TYR A 69 20.18 7.40 9.08
N LYS A 70 20.37 8.28 8.13
CA LYS A 70 21.72 8.64 7.78
C LYS A 70 22.43 9.28 8.98
N GLU A 71 21.72 10.17 9.68
CA GLU A 71 22.26 11.05 10.71
C GLU A 71 22.52 10.41 12.08
N ALA A 72 21.63 9.54 12.52
CA ALA A 72 21.78 8.97 13.87
C ALA A 72 22.01 7.44 13.94
N GLU A 73 23.28 7.09 14.04
CA GLU A 73 23.69 5.70 14.08
C GLU A 73 22.88 4.93 15.13
N SER A 74 22.68 5.52 16.30
CA SER A 74 21.88 4.91 17.35
C SER A 74 20.52 4.54 16.85
N ARG A 75 19.93 5.44 16.08
CA ARG A 75 18.55 5.29 15.69
C ARG A 75 18.38 4.43 14.46
N ARG A 76 19.48 4.13 13.80
CA ARG A 76 19.40 3.30 12.62
C ARG A 76 18.64 2.00 12.84
N ARG A 77 19.03 1.24 13.85
CA ARG A 77 18.32 0.03 14.13
C ARG A 77 16.82 0.27 14.05
N GLU A 78 16.31 1.26 14.76
CA GLU A 78 14.89 1.50 14.74
C GLU A 78 14.43 1.81 13.34
N CYS A 79 15.13 2.70 12.66
CA CYS A 79 14.62 3.24 11.39
C CYS A 79 14.22 2.19 10.34
N LEU A 80 15.02 1.13 10.25
CA LEU A 80 14.77 0.10 9.27
C LEU A 80 13.36 -0.32 9.42
N TYR A 81 12.88 -0.36 10.65
CA TYR A 81 11.50 -0.73 10.86
C TYR A 81 10.54 0.27 10.31
N TYR A 82 10.70 1.56 10.60
CA TYR A 82 9.76 2.52 10.03
C TYR A 82 9.87 2.60 8.51
N LEU A 83 11.09 2.63 7.99
CA LEU A 83 11.28 2.54 6.57
C LEU A 83 10.56 1.36 5.99
N THR A 84 10.70 0.20 6.62
CA THR A 84 10.00 -0.97 6.16
C THR A 84 8.52 -0.74 6.13
N ILE A 85 7.94 -0.19 7.20
CA ILE A 85 6.55 0.20 7.14
C ILE A 85 6.38 1.14 5.98
N GLY A 86 7.21 2.18 5.93
CA GLY A 86 7.05 3.22 4.95
C GLY A 86 7.09 2.69 3.55
N CYS A 87 8.04 1.82 3.26
CA CYS A 87 8.09 1.32 1.92
C CYS A 87 6.88 0.46 1.61
N TYR A 88 6.44 -0.36 2.57
CA TYR A 88 5.33 -1.27 2.37
C TYR A 88 4.08 -0.47 2.08
N LYS A 89 3.85 0.53 2.93
CA LYS A 89 2.68 1.40 2.86
C LYS A 89 2.69 2.02 1.48
N LEU A 90 3.88 2.41 1.06
CA LEU A 90 4.06 3.11 -0.18
C LEU A 90 4.05 2.12 -1.34
N GLY A 91 4.28 0.86 -1.04
CA GLY A 91 4.28 -0.13 -2.08
C GLY A 91 5.56 -0.24 -2.87
N GLU A 92 6.68 0.19 -2.31
CA GLU A 92 7.96 -0.17 -2.86
C GLU A 92 8.42 -1.41 -2.10
N TYR A 93 7.78 -2.56 -2.33
CA TYR A 93 7.89 -3.73 -1.40
C TYR A 93 9.26 -4.33 -1.26
N SER A 94 9.93 -4.49 -2.38
CA SER A 94 11.26 -5.03 -2.34
C SER A 94 12.08 -4.21 -1.35
N MET A 95 12.13 -2.90 -1.51
CA MET A 95 12.91 -2.06 -0.61
C MET A 95 12.55 -2.44 0.80
N ALA A 96 11.27 -2.63 1.07
CA ALA A 96 10.87 -2.98 2.43
C ALA A 96 11.45 -4.33 2.86
N LYS A 97 11.43 -5.33 1.98
CA LYS A 97 12.10 -6.59 2.29
C LYS A 97 13.57 -6.27 2.60
N ARG A 98 14.23 -5.51 1.73
CA ARG A 98 15.63 -5.16 1.93
C ARG A 98 15.81 -4.67 3.33
N TYR A 99 15.04 -3.65 3.71
CA TYR A 99 15.26 -3.06 5.01
C TYR A 99 14.94 -4.05 6.07
N VAL A 100 13.75 -4.62 6.04
CA VAL A 100 13.31 -5.47 7.14
C VAL A 100 14.25 -6.65 7.33
N ASP A 101 14.82 -7.16 6.25
CA ASP A 101 15.78 -8.23 6.36
C ASP A 101 17.00 -7.77 7.14
N THR A 102 17.42 -6.53 6.91
CA THR A 102 18.51 -5.97 7.69
C THR A 102 18.09 -5.89 9.15
N LEU A 103 16.98 -5.22 9.43
CA LEU A 103 16.50 -5.10 10.79
C LEU A 103 16.43 -6.46 11.44
N PHE A 104 16.07 -7.45 10.66
CA PHE A 104 15.86 -8.80 11.16
C PHE A 104 17.09 -9.39 11.80
N GLU A 105 18.25 -9.16 11.20
CA GLU A 105 19.45 -9.70 11.81
C GLU A 105 19.66 -9.11 13.21
N HIS A 106 19.67 -7.79 13.32
CA HIS A 106 19.99 -7.16 14.58
C HIS A 106 19.10 -7.56 15.73
N GLU A 107 17.80 -7.41 15.57
CA GLU A 107 16.91 -7.91 16.58
C GLU A 107 16.06 -8.88 15.85
N ARG A 108 16.51 -10.14 15.83
CA ARG A 108 15.81 -11.23 15.13
C ARG A 108 14.52 -11.69 15.81
N ASN A 109 14.60 -11.78 17.11
CA ASN A 109 13.54 -12.37 17.89
C ASN A 109 12.39 -11.46 18.21
N ASN A 110 12.53 -10.19 17.88
CA ASN A 110 11.45 -9.28 18.14
C ASN A 110 10.19 -9.75 17.46
N LYS A 111 9.12 -9.79 18.25
CA LYS A 111 7.86 -10.25 17.76
C LYS A 111 7.40 -9.43 16.55
N GLN A 112 7.45 -8.10 16.64
CA GLN A 112 7.01 -7.24 15.52
C GLN A 112 7.95 -7.28 14.35
N VAL A 113 9.26 -7.34 14.60
CA VAL A 113 10.21 -7.44 13.51
C VAL A 113 9.85 -8.65 12.69
N GLY A 114 9.60 -9.75 13.38
CA GLY A 114 9.03 -10.93 12.74
C GLY A 114 7.71 -10.70 12.02
N ALA A 115 6.73 -10.11 12.72
CA ALA A 115 5.41 -9.86 12.16
C ALA A 115 5.54 -9.08 10.87
N LEU A 116 6.38 -8.05 10.91
CA LEU A 116 6.61 -7.18 9.76
C LEU A 116 7.34 -7.92 8.66
N LYS A 117 8.46 -8.55 8.96
CA LYS A 117 9.14 -9.35 7.95
C LYS A 117 8.10 -10.21 7.28
N SER A 118 7.40 -11.02 8.07
CA SER A 118 6.45 -11.99 7.54
C SER A 118 5.42 -11.37 6.62
N MET A 119 4.79 -10.30 7.10
CA MET A 119 3.79 -9.54 6.37
C MET A 119 4.31 -8.81 5.11
N VAL A 120 5.58 -8.39 5.14
CA VAL A 120 6.24 -7.85 3.95
C VAL A 120 6.34 -8.96 2.95
N GLU A 121 6.75 -10.13 3.39
CA GLU A 121 6.95 -11.24 2.48
C GLU A 121 5.71 -11.67 1.72
N ASP A 122 4.57 -11.80 2.41
CA ASP A 122 3.35 -12.12 1.69
C ASP A 122 3.14 -11.19 0.58
N LYS A 123 3.12 -9.90 0.86
CA LYS A 123 2.90 -9.05 -0.25
C LYS A 123 3.95 -9.34 -1.33
N ILE A 124 5.17 -9.76 -0.96
CA ILE A 124 6.15 -10.14 -2.00
C ILE A 124 5.68 -11.29 -2.91
N GLN A 125 5.27 -12.41 -2.32
CA GLN A 125 4.80 -13.55 -3.11
C GLN A 125 3.48 -13.22 -3.79
N LYS A 126 2.55 -12.66 -3.06
CA LYS A 126 1.26 -12.48 -3.66
C LYS A 126 1.33 -11.55 -4.92
N GLU A 127 2.30 -10.63 -5.01
CA GLU A 127 2.51 -9.95 -6.29
C GLU A 127 3.57 -10.72 -7.06
N THR A 128 3.79 -11.99 -6.74
CA THR A 128 4.57 -12.83 -7.64
C THR A 128 3.61 -13.86 -8.23
N LEU A 129 2.31 -13.56 -8.14
CA LEU A 129 1.27 -14.45 -8.68
C LEU A 129 0.74 -14.09 -10.10
N ASP B 22 8.20 5.97 -13.76
CA ASP B 22 9.53 6.60 -13.59
C ASP B 22 9.53 7.61 -12.44
N ASN B 23 8.49 8.44 -12.34
CA ASN B 23 8.35 9.39 -11.21
C ASN B 23 8.44 8.64 -9.87
N LYS B 24 7.91 7.41 -9.90
CA LYS B 24 8.07 6.41 -8.85
C LYS B 24 9.49 5.85 -8.77
N THR B 25 10.30 6.06 -9.81
CA THR B 25 11.71 5.62 -9.80
C THR B 25 12.67 6.72 -9.35
N CYS B 26 12.26 7.97 -9.53
CA CYS B 26 13.07 9.11 -9.11
C CYS B 26 13.18 9.04 -7.64
N PHE B 27 12.04 8.78 -7.00
CA PHE B 27 12.00 8.74 -5.57
C PHE B 27 12.68 7.52 -5.00
N ARG B 28 12.77 6.46 -5.77
CA ARG B 28 13.55 5.29 -5.35
C ARG B 28 15.01 5.68 -5.26
N MET B 29 15.38 6.63 -6.10
CA MET B 29 16.76 7.07 -6.21
C MET B 29 17.27 7.94 -5.08
N LEU B 30 16.48 8.94 -4.65
CA LEU B 30 16.88 9.79 -3.52
C LEU B 30 17.15 8.98 -2.26
N THR B 31 16.25 8.06 -1.99
CA THR B 31 16.13 7.52 -0.67
C THR B 31 16.79 6.16 -0.57
N TYR B 32 17.75 5.94 -1.45
CA TYR B 32 18.56 4.74 -1.45
C TYR B 32 19.73 4.85 -0.48
N ILE B 33 20.16 3.73 0.14
CA ILE B 33 21.23 3.73 1.16
C ILE B 33 21.99 2.39 1.33
N SER B 34 23.31 2.28 1.06
CA SER B 34 23.89 0.89 1.11
C SER B 34 24.92 0.38 2.14
N ASP B 35 26.05 1.06 2.29
CA ASP B 35 27.08 0.54 3.22
C ASP B 35 26.62 0.69 4.66
N ASP B 36 25.69 1.62 4.80
CA ASP B 36 25.16 2.03 6.07
C ASP B 36 24.50 0.85 6.62
N LEU B 37 23.60 0.27 5.83
CA LEU B 37 22.86 -0.84 6.35
C LEU B 37 23.81 -1.80 7.04
N LEU B 38 24.97 -2.05 6.45
CA LEU B 38 25.92 -2.99 7.03
C LEU B 38 26.68 -2.56 8.34
N ASN B 39 26.50 -1.29 8.75
CA ASN B 39 27.11 -0.80 10.02
C ASN B 39 26.18 -0.22 11.14
N GLU B 40 24.92 -0.68 11.19
CA GLU B 40 24.03 -0.31 12.28
C GLU B 40 24.67 -0.67 13.65
N ILE B 41 24.96 0.32 14.49
CA ILE B 41 25.58 0.09 15.80
C ILE B 41 24.85 -1.02 16.62
N PRO B 42 25.60 -1.99 17.26
CA PRO B 42 25.12 -3.05 18.25
C PRO B 42 24.62 -2.59 19.66
N LYS B 72 16.99 0.92 30.30
CA LYS B 72 15.86 1.04 29.37
C LYS B 72 16.19 2.01 28.21
N GLU B 73 15.66 1.74 27.00
CA GLU B 73 15.80 2.65 25.82
C GLU B 73 14.43 3.28 25.43
N THR B 74 14.24 4.60 25.62
CA THR B 74 12.96 5.16 25.15
C THR B 74 12.97 5.39 23.63
N SER B 75 11.98 4.80 22.97
CA SER B 75 11.87 4.73 21.50
C SER B 75 11.43 6.01 20.82
N LEU B 76 11.87 6.14 19.58
CA LEU B 76 11.41 7.20 18.70
C LEU B 76 9.90 7.23 18.61
N PHE B 77 9.30 6.05 18.54
CA PHE B 77 7.87 5.95 18.39
C PHE B 77 7.22 6.37 19.69
N GLN B 78 7.74 5.86 20.80
CA GLN B 78 7.16 6.18 22.11
C GLN B 78 7.09 7.70 22.21
N GLY B 79 8.19 8.31 21.77
CA GLY B 79 8.34 9.76 21.73
C GLY B 79 7.16 10.33 20.99
N PHE B 80 6.92 9.82 19.79
CA PHE B 80 5.81 10.30 19.06
C PHE B 80 4.48 10.13 19.82
N LYS B 81 4.29 9.03 20.55
CA LYS B 81 2.97 8.81 21.18
C LYS B 81 2.67 9.79 22.30
N SER B 82 3.55 9.84 23.30
CA SER B 82 3.32 10.68 24.47
C SER B 82 3.18 12.15 24.04
N TYR B 83 3.80 12.45 22.92
CA TYR B 83 3.88 13.77 22.38
C TYR B 83 2.61 14.36 21.76
N LEU B 84 1.79 13.57 21.07
CA LEU B 84 0.58 14.15 20.41
C LEU B 84 -0.56 14.61 21.31
N PRO B 85 -0.86 13.82 22.36
CA PRO B 85 -1.76 14.35 23.38
C PRO B 85 -1.33 15.76 23.81
N ILE B 86 -0.06 15.89 24.25
CA ILE B 86 0.52 17.14 24.79
C ILE B 86 0.57 18.24 23.73
N ALA B 87 0.59 17.82 22.47
CA ALA B 87 0.52 18.74 21.33
C ALA B 87 -0.88 19.38 21.21
N GLU B 88 -1.90 18.64 21.66
CA GLU B 88 -3.31 19.11 21.75
C GLU B 88 -3.65 20.05 22.94
N LEU B 89 -2.64 20.36 23.77
CA LEU B 89 -2.55 21.58 24.62
C LEU B 89 -2.89 22.84 23.77
N ALA B 90 -2.88 22.64 22.43
CA ALA B 90 -3.27 23.62 21.41
C ALA B 90 -4.67 24.27 21.58
N ILE B 91 -5.55 23.66 22.39
CA ILE B 91 -6.86 24.27 22.85
C ILE B 91 -6.65 25.52 23.77
N GLU B 92 -5.70 25.41 24.70
CA GLU B 92 -5.22 26.54 25.52
C GLU B 92 -4.07 27.35 24.84
N GLY B 139 5.68 23.40 27.40
CA GLY B 139 5.05 22.14 27.84
C GLY B 139 4.46 22.22 29.24
N VAL B 140 4.46 23.47 29.76
CA VAL B 140 3.88 23.89 31.09
C VAL B 140 2.31 23.88 31.03
N GLU B 141 1.70 23.07 31.89
CA GLU B 141 0.24 23.05 31.97
C GLU B 141 -0.28 24.21 32.89
N THR B 142 -1.58 24.09 33.24
CA THR B 142 -2.29 25.06 34.10
C THR B 142 -1.97 24.90 35.65
N ALA B 143 -2.21 25.98 36.46
CA ALA B 143 -1.67 26.03 37.87
C ALA B 143 -2.45 26.92 38.84
N ALA B 144 -3.34 27.73 38.28
CA ALA B 144 -4.00 28.83 39.03
C ALA B 144 -4.98 28.38 40.19
N ILE B 145 -6.14 27.74 39.71
CA ILE B 145 -7.16 27.36 40.65
C ILE B 145 -6.78 25.99 41.19
N SER B 146 -5.47 25.76 41.28
CA SER B 146 -4.96 24.56 41.92
C SER B 146 -5.58 24.40 43.30
N SER B 147 -5.86 25.53 44.00
CA SER B 147 -6.38 25.59 45.42
C SER B 147 -7.86 25.13 45.71
N SER B 148 -8.72 25.09 44.65
CA SER B 148 -10.11 24.65 44.88
C SER B 148 -10.47 23.12 44.78
N TYR B 149 -11.66 22.79 45.32
CA TYR B 149 -11.83 21.68 46.28
C TYR B 149 -12.34 20.28 45.89
N SER B 150 -12.58 19.99 44.61
CA SER B 150 -13.04 18.63 44.24
C SER B 150 -12.02 17.54 44.60
N PRO B 151 -12.49 16.33 45.00
CA PRO B 151 -11.44 15.36 45.19
C PRO B 151 -11.06 14.80 43.82
N SER B 152 -12.06 14.65 42.95
CA SER B 152 -11.89 13.91 41.70
C SER B 152 -11.30 14.75 40.56
N ALA B 153 -11.87 15.95 40.26
CA ALA B 153 -11.21 16.67 39.14
C ALA B 153 -9.81 17.12 39.59
N LEU B 154 -9.66 17.29 40.95
CA LEU B 154 -8.33 17.56 41.42
C LEU B 154 -7.35 16.49 40.93
N LYS B 155 -7.81 15.25 40.87
CA LYS B 155 -6.97 14.15 40.43
C LYS B 155 -6.85 14.08 38.90
N SER B 156 -7.93 14.39 38.20
CA SER B 156 -7.90 14.42 36.73
C SER B 156 -6.96 15.51 36.24
N PHE B 157 -6.79 16.57 37.05
CA PHE B 157 -5.74 17.57 36.82
C PHE B 157 -4.34 16.97 37.13
N SER B 158 -4.24 16.19 38.20
CA SER B 158 -3.00 15.51 38.60
C SER B 158 -2.49 14.62 37.48
N GLN B 159 -3.44 13.97 36.81
CA GLN B 159 -3.17 13.22 35.60
C GLN B 159 -2.43 14.07 34.54
N THR B 160 -3.06 15.18 34.13
CA THR B 160 -2.49 16.06 33.12
C THR B 160 -1.05 16.34 33.45
N LEU B 161 -0.80 16.65 34.73
CA LEU B 161 0.58 16.90 35.18
C LEU B 161 1.45 15.66 34.96
N VAL B 162 0.98 14.49 35.38
CA VAL B 162 1.87 13.34 35.36
C VAL B 162 2.10 12.79 33.96
N ASN B 163 1.10 12.93 33.10
CA ASN B 163 1.34 12.52 31.71
C ASN B 163 2.10 13.61 30.93
N SER B 164 2.14 14.82 31.47
CA SER B 164 3.06 15.81 30.93
C SER B 164 4.46 15.51 31.49
N LEU B 165 4.53 15.22 32.78
CA LEU B 165 5.78 14.81 33.42
C LEU B 165 6.48 13.61 32.74
N GLU B 166 5.71 12.63 32.25
CA GLU B 166 6.23 11.49 31.47
C GLU B 166 6.75 11.97 30.12
N PHE B 167 6.08 12.96 29.55
CA PHE B 167 6.46 13.50 28.24
C PHE B 167 7.76 14.25 28.35
N LEU B 168 7.91 15.09 29.37
CA LEU B 168 9.16 15.80 29.53
C LEU B 168 10.28 14.82 29.72
N ASN B 169 10.10 13.83 30.58
CA ASN B 169 11.12 12.79 30.71
C ASN B 169 11.42 12.10 29.37
N ILE B 170 10.38 11.78 28.59
CA ILE B 170 10.54 11.22 27.23
C ILE B 170 11.29 12.19 26.33
N GLN B 171 10.86 13.44 26.31
CA GLN B 171 11.54 14.44 25.48
C GLN B 171 12.96 14.62 25.96
N LYS B 172 13.19 14.51 27.25
CA LYS B 172 14.53 14.72 27.82
C LYS B 172 15.58 13.75 27.33
N ASN B 173 15.34 12.45 27.44
CA ASN B 173 16.38 11.54 26.98
C ASN B 173 16.45 11.42 25.45
N SER B 174 15.38 11.74 24.73
CA SER B 174 15.48 11.81 23.26
C SER B 174 16.51 12.89 22.86
N THR B 175 16.50 14.01 23.59
CA THR B 175 17.48 15.04 23.43
C THR B 175 18.78 14.47 23.89
N LEU B 176 18.75 13.85 25.05
CA LEU B 176 19.96 13.31 25.62
C LEU B 176 20.60 12.26 24.71
N SER B 177 19.77 11.60 23.88
CA SER B 177 20.27 10.67 22.86
C SER B 177 20.98 11.44 21.79
N GLU B 178 20.28 12.43 21.24
CA GLU B 178 20.85 13.28 20.22
C GLU B 178 22.25 13.76 20.66
N ILE B 179 22.43 14.06 21.96
CA ILE B 179 23.73 14.43 22.51
C ILE B 179 24.74 13.36 22.21
N ARG B 180 24.50 12.12 22.61
CA ARG B 180 25.48 11.07 22.32
C ARG B 180 25.71 10.89 20.80
N ASP B 181 24.66 11.04 19.99
CA ASP B 181 24.82 10.86 18.55
C ASP B 181 25.85 11.81 18.02
N ILE B 182 25.77 13.07 18.41
CA ILE B 182 26.74 14.04 17.91
C ILE B 182 28.04 13.96 18.69
N GLU B 183 27.99 13.30 19.83
CA GLU B 183 29.19 13.04 20.62
C GLU B 183 30.06 11.99 19.91
N VAL B 184 29.42 10.97 19.33
CA VAL B 184 30.13 10.00 18.50
C VAL B 184 30.60 10.60 17.19
N GLU B 185 29.86 11.55 16.67
CA GLU B 185 30.27 12.19 15.45
C GLU B 185 31.56 12.92 15.73
N VAL B 186 31.66 13.54 16.91
CA VAL B 186 32.87 14.22 17.28
C VAL B 186 33.98 13.22 17.34
N GLU B 187 33.76 12.06 17.96
CA GLU B 187 34.84 11.05 17.97
C GLU B 187 35.20 10.55 16.58
N ASN B 188 34.24 9.98 15.83
CA ASN B 188 34.55 9.49 14.47
C ASN B 188 35.26 10.55 13.63
N LEU B 189 34.74 11.75 13.68
CA LEU B 189 35.34 12.85 12.99
C LEU B 189 36.74 13.19 13.54
N ARG B 190 36.91 13.25 14.86
CA ARG B 190 38.22 13.63 15.46
C ARG B 190 39.31 12.64 15.12
N GLN B 191 38.97 11.37 15.00
CA GLN B 191 39.96 10.38 14.62
C GLN B 191 40.17 10.41 13.10
N LYS B 192 39.14 10.75 12.34
CA LYS B 192 39.29 10.97 10.89
C LYS B 192 40.28 12.11 10.69
N LYS B 193 40.35 13.02 11.67
CA LYS B 193 41.28 14.13 11.65
C LYS B 193 42.70 13.68 11.74
N GLU B 194 43.04 12.98 12.81
CA GLU B 194 44.44 12.67 13.00
C GLU B 194 44.94 11.59 12.03
N LYS B 195 44.04 10.72 11.56
CA LYS B 195 44.38 9.75 10.49
C LYS B 195 44.89 10.54 9.30
N LEU B 196 44.12 11.54 8.95
CA LEU B 196 44.44 12.45 7.88
C LEU B 196 45.66 13.31 8.26
N LEU B 197 45.82 13.66 9.53
CA LEU B 197 46.99 14.42 9.97
C LEU B 197 48.21 13.52 9.96
N GLY B 198 47.99 12.21 10.09
CA GLY B 198 49.06 11.25 9.98
C GLY B 198 49.58 11.25 8.57
N LYS B 199 48.67 11.31 7.60
CA LYS B 199 49.06 11.43 6.19
C LYS B 199 49.91 12.68 5.87
N ILE B 200 49.79 13.79 6.58
CA ILE B 200 50.73 14.90 6.34
C ILE B 200 52.13 14.41 6.68
N ALA B 201 52.28 13.72 7.81
CA ALA B 201 53.58 13.21 8.21
C ALA B 201 54.08 12.19 7.17
N ASN B 202 53.15 11.34 6.72
CA ASN B 202 53.29 10.36 5.63
C ASN B 202 53.99 11.02 4.46
N ILE B 203 53.47 12.17 4.01
CA ILE B 203 53.97 12.89 2.83
C ILE B 203 54.81 14.11 3.22
N GLU B 204 55.03 14.31 4.50
CA GLU B 204 55.84 15.42 4.93
C GLU B 204 57.27 14.92 4.90
N GLN B 205 57.46 13.66 5.31
CA GLN B 205 58.76 13.02 5.20
C GLN B 205 58.98 12.51 3.77
N ASN B 206 57.96 11.95 3.14
CA ASN B 206 58.08 11.42 1.75
C ASN B 206 58.40 12.56 0.76
N GLN B 207 58.02 13.80 1.14
CA GLN B 207 58.48 15.00 0.42
C GLN B 207 59.88 15.34 0.88
N LEU B 208 60.18 15.02 2.13
CA LEU B 208 61.51 15.25 2.68
C LEU B 208 62.61 14.42 1.99
N LEU B 209 62.27 13.20 1.57
CA LEU B 209 63.13 12.33 0.75
C LEU B 209 63.45 13.00 -0.57
N LEU B 210 62.43 13.39 -1.34
CA LEU B 210 62.65 13.94 -2.68
C LEU B 210 63.44 15.23 -2.61
N GLU B 211 63.17 16.07 -1.63
CA GLU B 211 63.92 17.32 -1.48
C GLU B 211 65.42 17.09 -1.19
N ASP B 212 65.69 16.09 -0.36
CA ASP B 212 67.04 15.59 -0.15
C ASP B 212 67.63 14.84 -1.37
N ASN B 213 66.86 13.88 -1.89
CA ASN B 213 67.21 13.05 -3.07
C ASN B 213 67.43 14.00 -4.26
N LEU B 214 66.76 15.14 -4.28
CA LEU B 214 67.07 16.21 -5.23
C LEU B 214 68.43 16.79 -4.95
N LYS B 215 68.66 17.10 -3.67
CA LYS B 215 69.90 17.74 -3.23
C LYS B 215 71.18 17.09 -3.77
N GLN B 216 71.28 15.75 -3.67
CA GLN B 216 72.44 15.01 -4.18
C GLN B 216 72.70 15.20 -5.68
N ILE B 217 71.63 15.36 -6.48
CA ILE B 217 71.77 15.59 -7.91
C ILE B 217 71.82 17.09 -8.27
N ASP B 218 71.49 17.93 -7.31
CA ASP B 218 71.85 19.35 -7.40
C ASP B 218 73.38 19.36 -7.25
N ASP B 219 73.86 18.50 -6.34
CA ASP B 219 75.26 18.40 -5.88
C ASP B 219 76.21 17.78 -6.87
N ARG B 220 75.87 16.62 -7.42
CA ARG B 220 76.78 16.08 -8.37
C ARG B 220 76.66 16.85 -9.65
N LEU B 221 75.77 17.83 -9.71
CA LEU B 221 75.77 18.72 -10.88
C LEU B 221 76.90 19.77 -10.80
N ASP B 222 77.26 20.17 -9.58
CA ASP B 222 78.39 21.08 -9.35
C ASP B 222 79.68 20.40 -9.71
N PHE B 223 79.81 19.18 -9.17
CA PHE B 223 80.95 18.28 -9.37
C PHE B 223 81.23 17.98 -10.85
N LEU B 224 80.19 17.72 -11.64
CA LEU B 224 80.42 17.50 -13.07
C LEU B 224 80.68 18.81 -13.77
N GLU B 225 80.37 19.93 -13.10
CA GLU B 225 80.75 21.22 -13.64
C GLU B 225 82.02 21.74 -12.97
N GLU B 226 82.78 20.76 -12.45
CA GLU B 226 84.25 20.86 -12.24
C GLU B 226 85.00 20.40 -13.48
N TYR B 227 84.25 20.13 -14.56
CA TYR B 227 84.75 19.64 -15.87
C TYR B 227 83.85 20.16 -17.02
N GLY B 228 84.39 20.37 -18.22
CA GLY B 228 83.55 20.80 -19.35
C GLY B 228 82.11 20.25 -19.37
N LYS C 3 -39.05 -0.41 -6.11
CA LYS C 3 -37.81 0.46 -6.25
C LYS C 3 -36.63 0.16 -5.25
N VAL C 4 -35.59 -0.53 -5.75
CA VAL C 4 -34.46 -1.08 -4.93
C VAL C 4 -33.12 -0.34 -5.13
N ASP C 5 -32.17 -0.43 -4.17
CA ASP C 5 -30.93 0.39 -4.28
C ASP C 5 -29.88 -0.11 -5.29
N PHE C 6 -28.89 0.75 -5.59
CA PHE C 6 -27.69 0.39 -6.35
C PHE C 6 -26.74 -0.39 -5.47
N TRP C 7 -26.68 -0.03 -4.19
CA TRP C 7 -25.82 -0.72 -3.22
C TRP C 7 -26.47 -1.42 -2.08
N PRO C 8 -26.27 -2.74 -2.00
CA PRO C 8 -26.93 -3.58 -1.00
C PRO C 8 -26.43 -3.22 0.36
N THR C 9 -27.33 -3.20 1.33
CA THR C 9 -26.97 -2.90 2.71
C THR C 9 -26.20 -4.03 3.23
N LEU C 10 -25.34 -3.75 4.21
CA LEU C 10 -24.58 -4.81 4.86
C LEU C 10 -25.55 -5.74 5.58
N LYS C 11 -26.65 -5.23 6.12
CA LYS C 11 -27.60 -6.14 6.74
C LYS C 11 -28.17 -7.09 5.67
N ASP C 12 -28.46 -6.55 4.49
CA ASP C 12 -28.97 -7.35 3.36
C ASP C 12 -28.03 -8.55 3.14
N ALA C 13 -26.73 -8.29 3.16
CA ALA C 13 -25.70 -9.32 2.93
C ALA C 13 -25.65 -10.32 4.06
N TYR C 14 -26.43 -10.10 5.10
CA TYR C 14 -26.41 -11.03 6.21
C TYR C 14 -27.57 -12.02 6.32
N GLU C 15 -28.73 -11.67 5.77
CA GLU C 15 -29.83 -12.64 5.63
C GLU C 15 -29.61 -13.56 4.44
N PRO C 16 -29.63 -14.89 4.67
CA PRO C 16 -29.31 -15.76 3.56
C PRO C 16 -30.46 -15.94 2.57
N LEU C 17 -30.36 -17.00 1.79
CA LEU C 17 -31.42 -17.40 0.91
C LEU C 17 -31.89 -18.76 1.40
N TYR C 18 -33.09 -19.18 0.99
CA TYR C 18 -33.52 -20.55 1.26
C TYR C 18 -32.77 -21.42 0.30
N PRO C 19 -32.18 -22.48 0.83
CA PRO C 19 -31.26 -23.35 0.09
C PRO C 19 -31.78 -23.63 -1.33
N GLN C 20 -33.11 -23.69 -1.43
CA GLN C 20 -33.85 -23.76 -2.69
C GLN C 20 -33.36 -22.63 -3.61
N GLN C 21 -33.47 -21.41 -3.08
CA GLN C 21 -33.10 -20.19 -3.80
C GLN C 21 -31.61 -20.13 -4.22
N LEU C 22 -30.73 -20.58 -3.31
CA LEU C 22 -29.30 -20.60 -3.58
C LEU C 22 -29.05 -21.54 -4.74
N GLU C 23 -29.75 -22.68 -4.67
CA GLU C 23 -29.62 -23.75 -5.64
C GLU C 23 -30.10 -23.28 -7.00
N ILE C 24 -31.26 -22.61 -7.01
CA ILE C 24 -31.80 -22.03 -8.22
C ILE C 24 -30.71 -21.23 -8.94
N LEU C 25 -30.04 -20.37 -8.16
CA LEU C 25 -28.97 -19.50 -8.66
C LEU C 25 -27.82 -20.28 -9.24
N ARG C 26 -27.50 -21.40 -8.62
CA ARG C 26 -26.45 -22.25 -9.13
C ARG C 26 -26.89 -22.89 -10.43
N GLN C 27 -27.99 -23.65 -10.36
CA GLN C 27 -28.54 -24.33 -11.52
C GLN C 27 -28.49 -23.38 -12.74
N GLN C 28 -28.94 -22.14 -12.53
CA GLN C 28 -28.84 -21.08 -13.53
C GLN C 28 -27.41 -20.79 -14.04
N VAL C 29 -26.42 -20.76 -13.13
CA VAL C 29 -25.04 -20.49 -13.52
C VAL C 29 -24.51 -21.71 -14.25
N VAL C 30 -24.95 -22.88 -13.78
CA VAL C 30 -24.59 -24.17 -14.40
C VAL C 30 -24.91 -24.06 -15.90
N SER C 31 -26.19 -23.77 -16.16
CA SER C 31 -26.76 -23.70 -17.50
C SER C 31 -26.13 -22.64 -18.40
N GLU C 32 -25.83 -21.46 -17.85
CA GLU C 32 -25.10 -20.46 -18.63
C GLU C 32 -23.69 -20.97 -18.95
N GLY C 33 -23.20 -21.90 -18.13
CA GLY C 33 -21.95 -22.62 -18.43
C GLY C 33 -20.80 -22.34 -17.48
N GLY C 34 -21.06 -22.54 -16.18
CA GLY C 34 -20.10 -22.24 -15.11
C GLY C 34 -19.18 -21.09 -15.50
N PRO C 35 -17.95 -21.43 -15.91
CA PRO C 35 -16.96 -20.40 -16.25
C PRO C 35 -17.20 -19.54 -17.50
N THR C 36 -18.22 -19.84 -18.30
CA THR C 36 -18.56 -18.95 -19.41
C THR C 36 -19.84 -18.15 -19.16
N ALA C 37 -20.53 -18.48 -18.06
CA ALA C 37 -21.79 -17.85 -17.67
C ALA C 37 -21.65 -16.33 -17.64
N THR C 38 -22.77 -15.62 -17.81
CA THR C 38 -22.74 -14.17 -17.80
C THR C 38 -22.27 -13.67 -16.45
N ILE C 39 -21.53 -12.55 -16.48
CA ILE C 39 -21.13 -11.86 -15.26
C ILE C 39 -22.36 -11.79 -14.33
N GLN C 40 -23.46 -11.24 -14.80
CA GLN C 40 -24.62 -11.09 -13.93
C GLN C 40 -24.96 -12.37 -13.15
N SER C 41 -25.23 -13.46 -13.87
CA SER C 41 -25.75 -14.66 -13.21
C SER C 41 -24.71 -15.34 -12.36
N ARG C 42 -23.45 -15.08 -12.71
CA ARG C 42 -22.35 -15.62 -11.97
C ARG C 42 -22.32 -14.82 -10.66
N PHE C 43 -22.48 -13.51 -10.78
CA PHE C 43 -22.47 -12.71 -9.60
C PHE C 43 -23.62 -13.11 -8.75
N ASN C 44 -24.79 -13.02 -9.35
CA ASN C 44 -26.01 -13.29 -8.64
C ASN C 44 -25.77 -14.45 -7.71
N TYR C 45 -25.00 -15.41 -8.21
CA TYR C 45 -24.82 -16.62 -7.48
C TYR C 45 -23.84 -16.32 -6.38
N ALA C 46 -22.80 -15.58 -6.70
CA ALA C 46 -21.78 -15.35 -5.73
C ALA C 46 -22.40 -14.62 -4.59
N TRP C 47 -23.25 -13.65 -4.92
CA TRP C 47 -23.91 -12.86 -3.90
C TRP C 47 -24.58 -13.77 -2.93
N GLY C 48 -25.40 -14.69 -3.47
CA GLY C 48 -26.16 -15.64 -2.68
C GLY C 48 -25.25 -16.45 -1.78
N LEU C 49 -24.06 -16.74 -2.28
CA LEU C 49 -23.06 -17.47 -1.51
C LEU C 49 -22.57 -16.64 -0.32
N ILE C 50 -22.24 -15.39 -0.60
CA ILE C 50 -21.77 -14.50 0.43
C ILE C 50 -22.91 -14.33 1.36
N LYS C 51 -24.12 -14.28 0.79
CA LYS C 51 -25.38 -14.09 1.53
C LYS C 51 -25.66 -15.27 2.45
N SER C 52 -25.24 -16.47 2.03
CA SER C 52 -25.30 -17.64 2.92
C SER C 52 -24.44 -17.47 4.16
N THR C 53 -24.56 -18.41 5.09
CA THR C 53 -23.83 -18.32 6.35
C THR C 53 -22.89 -19.49 6.55
N ASP C 54 -22.62 -20.23 5.49
CA ASP C 54 -21.60 -21.27 5.56
C ASP C 54 -20.26 -20.67 5.08
N VAL C 55 -19.22 -20.76 5.91
CA VAL C 55 -17.90 -20.23 5.56
C VAL C 55 -17.47 -20.60 4.13
N ASN C 56 -17.57 -21.88 3.80
CA ASN C 56 -17.23 -22.36 2.47
C ASN C 56 -18.05 -21.76 1.33
N ASP C 57 -19.35 -21.58 1.55
CA ASP C 57 -20.18 -20.97 0.52
C ASP C 57 -19.62 -19.60 0.20
N GLU C 58 -19.35 -18.85 1.26
CA GLU C 58 -18.84 -17.49 1.20
C GLU C 58 -17.54 -17.44 0.44
N ARG C 59 -16.64 -18.36 0.77
CA ARG C 59 -15.34 -18.30 0.15
C ARG C 59 -15.49 -18.40 -1.34
N LEU C 60 -16.38 -19.26 -1.79
CA LEU C 60 -16.68 -19.32 -3.20
C LEU C 60 -17.20 -17.97 -3.65
N GLY C 61 -18.09 -17.41 -2.86
CA GLY C 61 -18.73 -16.15 -3.21
C GLY C 61 -17.69 -15.09 -3.51
N VAL C 62 -16.70 -15.00 -2.64
CA VAL C 62 -15.59 -14.11 -2.87
C VAL C 62 -14.84 -14.53 -4.12
N LYS C 63 -14.47 -15.81 -4.20
CA LYS C 63 -13.69 -16.26 -5.34
C LYS C 63 -14.43 -15.91 -6.61
N ILE C 64 -15.74 -16.15 -6.62
CA ILE C 64 -16.59 -15.86 -7.78
C ILE C 64 -16.43 -14.39 -8.09
N LEU C 65 -16.59 -13.55 -7.05
CA LEU C 65 -16.52 -12.13 -7.22
C LEU C 65 -15.15 -11.70 -7.69
N THR C 66 -14.08 -12.27 -7.15
CA THR C 66 -12.77 -11.81 -7.59
C THR C 66 -12.56 -12.16 -9.05
N ASP C 67 -13.10 -13.29 -9.49
CA ASP C 67 -13.06 -13.64 -10.94
C ASP C 67 -13.80 -12.62 -11.80
N ILE C 68 -14.99 -12.24 -11.36
CA ILE C 68 -15.78 -11.17 -12.01
C ILE C 68 -14.96 -9.89 -12.09
N TYR C 69 -14.33 -9.56 -10.96
CA TYR C 69 -13.53 -8.37 -10.88
C TYR C 69 -12.40 -8.42 -11.88
N LYS C 70 -11.74 -9.55 -11.96
CA LYS C 70 -10.68 -9.67 -12.92
C LYS C 70 -11.23 -9.39 -14.35
N GLU C 71 -12.39 -9.97 -14.66
CA GLU C 71 -12.92 -10.04 -16.03
C GLU C 71 -13.60 -8.78 -16.55
N ALA C 72 -14.36 -8.11 -15.70
CA ALA C 72 -15.11 -6.95 -16.17
C ALA C 72 -14.68 -5.59 -15.57
N GLU C 73 -13.81 -4.88 -16.30
CA GLU C 73 -13.27 -3.58 -15.90
C GLU C 73 -14.41 -2.66 -15.44
N SER C 74 -15.50 -2.63 -16.19
CA SER C 74 -16.67 -1.82 -15.86
C SER C 74 -17.12 -2.14 -14.46
N ARG C 75 -17.17 -3.43 -14.16
CA ARG C 75 -17.77 -3.87 -12.92
C ARG C 75 -16.85 -3.80 -11.72
N ARG C 76 -15.57 -3.56 -11.97
CA ARG C 76 -14.60 -3.50 -10.89
C ARG C 76 -14.97 -2.52 -9.80
N ARG C 77 -15.28 -1.30 -10.18
CA ARG C 77 -15.71 -0.35 -9.20
C ARG C 77 -16.69 -1.05 -8.25
N GLU C 78 -17.75 -1.62 -8.80
CA GLU C 78 -18.75 -2.23 -7.95
C GLU C 78 -18.12 -3.29 -7.05
N CYS C 79 -17.36 -4.18 -7.66
CA CYS C 79 -16.95 -5.40 -6.99
C CYS C 79 -16.26 -5.16 -5.67
N LEU C 80 -15.49 -4.09 -5.61
CA LEU C 80 -14.74 -3.81 -4.42
C LEU C 80 -15.72 -3.78 -3.29
N TYR C 81 -16.90 -3.29 -3.58
CA TYR C 81 -17.90 -3.21 -2.55
C TYR C 81 -18.28 -4.60 -2.10
N TYR C 82 -18.68 -5.47 -3.01
CA TYR C 82 -19.13 -6.78 -2.56
C TYR C 82 -17.99 -7.53 -1.93
N LEU C 83 -16.81 -7.46 -2.54
CA LEU C 83 -15.68 -8.11 -1.96
C LEU C 83 -15.50 -7.63 -0.57
N THR C 84 -15.65 -6.32 -0.36
CA THR C 84 -15.49 -5.78 0.96
C THR C 84 -16.48 -6.44 1.91
N ILE C 85 -17.74 -6.54 1.48
CA ILE C 85 -18.73 -7.26 2.28
C ILE C 85 -18.20 -8.65 2.50
N GLY C 86 -17.84 -9.27 1.40
CA GLY C 86 -17.43 -10.66 1.41
C GLY C 86 -16.33 -10.86 2.40
N CYS C 87 -15.31 -10.01 2.37
CA CYS C 87 -14.19 -10.27 3.23
C CYS C 87 -14.57 -10.05 4.67
N TYR C 88 -15.40 -9.04 4.91
CA TYR C 88 -15.81 -8.72 6.25
C TYR C 88 -16.63 -9.88 6.81
N LYS C 89 -17.60 -10.30 6.02
CA LYS C 89 -18.50 -11.39 6.38
C LYS C 89 -17.65 -12.58 6.75
N LEU C 90 -16.62 -12.78 5.93
CA LEU C 90 -15.75 -13.94 6.04
C LEU C 90 -14.73 -13.69 7.13
N GLY C 91 -14.54 -12.43 7.49
CA GLY C 91 -13.62 -12.15 8.55
C GLY C 91 -12.17 -12.14 8.12
N GLU C 92 -11.92 -11.85 6.84
CA GLU C 92 -10.58 -11.48 6.40
C GLU C 92 -10.59 -9.95 6.38
N TYR C 93 -10.61 -9.32 7.54
CA TYR C 93 -10.99 -7.91 7.63
C TYR C 93 -10.05 -6.98 6.92
N SER C 94 -8.75 -7.20 7.13
CA SER C 94 -7.75 -6.36 6.54
C SER C 94 -8.06 -6.28 5.05
N MET C 95 -8.24 -7.43 4.39
CA MET C 95 -8.51 -7.48 2.94
C MET C 95 -9.70 -6.61 2.69
N ALA C 96 -10.69 -6.62 3.57
CA ALA C 96 -11.86 -5.77 3.38
C ALA C 96 -11.49 -4.28 3.45
N LYS C 97 -10.65 -3.91 4.42
CA LYS C 97 -10.12 -2.54 4.46
C LYS C 97 -9.45 -2.23 3.12
N ARG C 98 -8.50 -3.06 2.69
CA ARG C 98 -7.78 -2.87 1.44
C ARG C 98 -8.74 -2.58 0.31
N TYR C 99 -9.77 -3.41 0.14
CA TYR C 99 -10.69 -3.21 -0.95
C TYR C 99 -11.46 -1.94 -0.72
N VAL C 100 -12.11 -1.82 0.44
CA VAL C 100 -13.00 -0.68 0.65
C VAL C 100 -12.28 0.65 0.53
N ASP C 101 -11.02 0.71 0.94
CA ASP C 101 -10.23 1.91 0.76
C ASP C 101 -10.09 2.23 -0.70
N THR C 102 -9.86 1.23 -1.53
CA THR C 102 -9.80 1.45 -2.96
C THR C 102 -11.14 1.96 -3.46
N LEU C 103 -12.21 1.24 -3.16
CA LEU C 103 -13.53 1.68 -3.59
C LEU C 103 -13.75 3.12 -3.14
N PHE C 104 -13.22 3.43 -1.97
CA PHE C 104 -13.50 4.72 -1.36
C PHE C 104 -13.00 5.88 -2.19
N GLU C 105 -11.82 5.75 -2.78
CA GLU C 105 -11.33 6.84 -3.62
C GLU C 105 -12.28 7.08 -4.80
N HIS C 106 -12.62 6.05 -5.56
CA HIS C 106 -13.45 6.26 -6.75
C HIS C 106 -14.79 6.89 -6.52
N GLU C 107 -15.58 6.33 -5.60
CA GLU C 107 -16.81 6.98 -5.19
C GLU C 107 -16.65 7.17 -3.72
N ARG C 108 -16.09 8.33 -3.35
CA ARG C 108 -15.84 8.73 -1.96
C ARG C 108 -17.11 9.07 -1.20
N ASN C 109 -17.94 9.85 -1.86
CA ASN C 109 -19.10 10.44 -1.22
C ASN C 109 -20.29 9.55 -1.10
N ASN C 110 -20.23 8.36 -1.69
CA ASN C 110 -21.34 7.44 -1.55
C ASN C 110 -21.60 7.10 -0.10
N LYS C 111 -22.85 7.26 0.29
CA LYS C 111 -23.24 7.04 1.65
C LYS C 111 -22.86 5.63 2.11
N GLN C 112 -23.11 4.61 1.26
CA GLN C 112 -22.80 3.19 1.62
C GLN C 112 -21.33 2.92 1.63
N VAL C 113 -20.61 3.48 0.66
CA VAL C 113 -19.18 3.29 0.59
C VAL C 113 -18.63 3.71 1.92
N GLY C 114 -19.03 4.91 2.35
CA GLY C 114 -18.73 5.41 3.69
C GLY C 114 -19.15 4.47 4.82
N ALA C 115 -20.43 4.10 4.86
CA ALA C 115 -20.96 3.24 5.91
C ALA C 115 -20.11 1.96 6.04
N LEU C 116 -19.84 1.36 4.89
CA LEU C 116 -19.06 0.16 4.85
C LEU C 116 -17.65 0.44 5.31
N LYS C 117 -16.98 1.44 4.72
CA LYS C 117 -15.61 1.74 5.15
C LYS C 117 -15.64 1.81 6.65
N SER C 118 -16.52 2.67 7.15
CA SER C 118 -16.59 2.97 8.58
C SER C 118 -16.76 1.68 9.40
N MET C 119 -17.72 0.87 8.97
CA MET C 119 -18.03 -0.37 9.65
C MET C 119 -16.91 -1.42 9.54
N VAL C 120 -16.15 -1.36 8.44
CA VAL C 120 -15.01 -2.22 8.24
C VAL C 120 -14.03 -1.83 9.29
N GLU C 121 -13.84 -0.53 9.46
CA GLU C 121 -12.81 -0.01 10.37
C GLU C 121 -13.01 -0.36 11.84
N ASP C 122 -14.24 -0.28 12.34
CA ASP C 122 -14.49 -0.70 13.72
C ASP C 122 -14.02 -2.11 13.95
N LYS C 123 -14.52 -3.02 13.14
CA LYS C 123 -14.07 -4.37 13.24
C LYS C 123 -12.54 -4.37 13.34
N ILE C 124 -11.86 -3.47 12.60
CA ILE C 124 -10.39 -3.45 12.65
C ILE C 124 -9.83 -3.03 14.01
N GLN C 125 -10.33 -1.91 14.57
CA GLN C 125 -9.88 -1.49 15.90
C GLN C 125 -10.33 -2.47 16.98
N LYS C 126 -11.57 -2.97 16.84
CA LYS C 126 -12.16 -3.88 17.82
C LYS C 126 -11.38 -5.19 17.93
N GLU C 127 -10.68 -5.57 16.86
CA GLU C 127 -9.78 -6.70 17.02
C GLU C 127 -8.31 -6.32 17.29
N HIS D 20 -18.91 -24.93 -5.30
CA HIS D 20 -17.94 -25.84 -4.57
C HIS D 20 -17.74 -25.49 -3.08
N MET D 21 -16.76 -26.19 -2.46
CA MET D 21 -16.35 -26.13 -1.02
C MET D 21 -14.82 -26.30 -0.76
N ASP D 22 -14.07 -25.18 -0.72
CA ASP D 22 -12.54 -25.11 -0.70
C ASP D 22 -11.92 -24.46 0.58
N ASN D 23 -10.82 -25.04 1.10
CA ASN D 23 -10.07 -24.55 2.28
C ASN D 23 -8.55 -24.58 1.98
N LYS D 24 -7.73 -23.85 2.74
CA LYS D 24 -8.18 -22.92 3.79
C LYS D 24 -7.25 -21.71 3.77
N THR D 25 -5.98 -22.01 4.05
CA THR D 25 -4.91 -21.02 3.90
C THR D 25 -4.86 -20.57 2.46
N CYS D 26 -5.11 -21.54 1.57
CA CYS D 26 -5.00 -21.36 0.13
C CYS D 26 -5.92 -20.38 -0.47
N PHE D 27 -7.16 -20.46 -0.01
CA PHE D 27 -8.19 -19.48 -0.37
C PHE D 27 -7.45 -18.07 -0.66
N ARG D 28 -6.72 -17.63 0.40
CA ARG D 28 -6.02 -16.32 0.30
C ARG D 28 -5.32 -16.02 -1.05
N MET D 29 -4.80 -17.05 -1.69
CA MET D 29 -4.05 -16.81 -2.88
C MET D 29 -4.88 -16.73 -4.12
N LEU D 30 -5.87 -17.61 -4.23
CA LEU D 30 -6.68 -17.69 -5.45
C LEU D 30 -7.40 -16.39 -5.73
N THR D 31 -7.87 -15.77 -4.65
CA THR D 31 -8.76 -14.62 -4.73
C THR D 31 -8.05 -13.28 -4.71
N TYR D 32 -6.74 -13.27 -4.44
CA TYR D 32 -6.03 -12.02 -4.18
C TYR D 32 -5.71 -11.24 -5.42
N ILE D 33 -5.98 -9.93 -5.37
CA ILE D 33 -5.69 -8.98 -6.46
C ILE D 33 -4.73 -7.88 -6.00
N SER D 34 -3.94 -7.27 -6.89
CA SER D 34 -2.63 -6.67 -6.46
C SER D 34 -2.28 -5.17 -6.50
N ASP D 35 -1.99 -4.71 -7.69
CA ASP D 35 -1.61 -3.36 -7.91
C ASP D 35 -2.75 -3.08 -8.83
N ASP D 36 -3.29 -4.20 -9.25
CA ASP D 36 -4.40 -4.29 -10.10
C ASP D 36 -5.50 -3.38 -9.60
N LEU D 37 -5.54 -3.15 -8.29
CA LEU D 37 -6.56 -2.30 -7.71
C LEU D 37 -6.65 -0.88 -8.27
N LEU D 38 -5.64 -0.42 -9.02
CA LEU D 38 -5.71 0.90 -9.71
C LEU D 38 -6.24 0.85 -11.18
N ASN D 39 -7.59 0.59 -11.31
CA ASN D 39 -8.28 0.48 -12.63
C ASN D 39 -9.77 0.86 -12.74
N GLU D 40 -10.07 1.21 -14.01
CA GLU D 40 -11.39 1.48 -14.54
C GLU D 40 -12.03 2.79 -14.12
N ILE D 41 -11.30 3.91 -14.24
CA ILE D 41 -11.89 5.26 -13.98
C ILE D 41 -13.13 5.54 -14.90
N PRO D 42 -14.26 6.11 -14.32
CA PRO D 42 -15.60 6.18 -15.05
C PRO D 42 -15.62 7.20 -16.23
N GLU D 73 -26.08 3.42 -16.27
CA GLU D 73 -25.63 2.07 -15.90
C GLU D 73 -26.40 1.44 -14.71
N THR D 74 -27.04 0.31 -15.01
CA THR D 74 -27.71 -0.54 -14.06
C THR D 74 -26.72 -1.45 -13.33
N SER D 75 -26.91 -1.51 -12.02
CA SER D 75 -26.01 -2.20 -11.07
C SER D 75 -26.09 -3.71 -11.03
N LEU D 76 -24.97 -4.29 -10.70
CA LEU D 76 -24.88 -5.71 -10.46
C LEU D 76 -25.92 -6.16 -9.46
N PHE D 77 -26.09 -5.38 -8.41
CA PHE D 77 -26.99 -5.75 -7.37
C PHE D 77 -28.37 -5.64 -7.88
N GLN D 78 -28.64 -4.59 -8.65
CA GLN D 78 -29.99 -4.38 -9.18
C GLN D 78 -30.35 -5.63 -9.97
N GLY D 79 -29.36 -6.08 -10.74
CA GLY D 79 -29.48 -7.26 -11.55
C GLY D 79 -29.96 -8.39 -10.67
N PHE D 80 -29.26 -8.61 -9.59
CA PHE D 80 -29.66 -9.65 -8.70
C PHE D 80 -31.08 -9.45 -8.15
N LYS D 81 -31.53 -8.22 -7.87
CA LYS D 81 -32.87 -8.09 -7.25
C LYS D 81 -34.02 -8.44 -8.18
N SER D 82 -34.06 -7.81 -9.37
CA SER D 82 -35.17 -8.00 -10.33
C SER D 82 -35.23 -9.46 -10.74
N TYR D 83 -34.06 -10.10 -10.69
CA TYR D 83 -33.84 -11.44 -11.11
C TYR D 83 -34.40 -12.58 -10.24
N LEU D 84 -34.40 -12.47 -8.91
CA LEU D 84 -34.94 -13.58 -8.08
C LEU D 84 -36.47 -13.80 -8.05
N PRO D 85 -37.25 -12.71 -8.08
CA PRO D 85 -38.67 -12.89 -8.34
C PRO D 85 -38.89 -13.78 -9.58
N ILE D 86 -38.31 -13.35 -10.71
CA ILE D 86 -38.47 -13.99 -12.02
C ILE D 86 -37.92 -15.44 -11.99
N ALA D 87 -36.96 -15.67 -11.12
CA ALA D 87 -36.41 -16.99 -10.93
C ALA D 87 -37.40 -17.92 -10.24
N GLU D 88 -38.17 -17.38 -9.28
CA GLU D 88 -39.07 -18.21 -8.45
C GLU D 88 -40.40 -18.59 -9.15
N LEU D 89 -40.51 -18.07 -10.38
CA LEU D 89 -41.47 -18.51 -11.39
C LEU D 89 -40.89 -19.71 -12.17
N ALA D 90 -39.80 -20.27 -11.62
CA ALA D 90 -39.39 -21.66 -11.89
C ALA D 90 -40.13 -22.58 -10.90
N ILE D 91 -40.35 -22.11 -9.66
CA ILE D 91 -41.16 -22.85 -8.64
C ILE D 91 -42.49 -23.41 -9.26
N GLU D 92 -43.15 -22.56 -10.07
CA GLU D 92 -44.29 -22.99 -10.90
C GLU D 92 -43.97 -22.92 -12.40
N PRO D 138 -38.96 -15.90 -19.90
CA PRO D 138 -38.90 -14.46 -19.52
C PRO D 138 -40.31 -13.83 -19.38
N GLY D 139 -40.91 -13.97 -18.20
CA GLY D 139 -42.33 -13.59 -18.00
C GLY D 139 -43.26 -14.74 -18.34
N VAL D 140 -44.44 -14.76 -17.68
CA VAL D 140 -45.48 -15.75 -18.03
C VAL D 140 -46.57 -15.11 -18.91
N GLU D 141 -46.68 -15.57 -20.18
CA GLU D 141 -47.69 -15.02 -21.11
C GLU D 141 -48.96 -15.92 -21.24
N THR D 142 -50.11 -15.45 -20.71
CA THR D 142 -51.40 -16.09 -21.00
C THR D 142 -51.88 -15.72 -22.41
N ALA D 143 -51.08 -14.86 -23.10
CA ALA D 143 -51.32 -14.31 -24.48
C ALA D 143 -52.58 -13.42 -24.62
N ALA D 144 -53.48 -13.82 -25.54
CA ALA D 144 -54.80 -13.20 -25.70
C ALA D 144 -55.88 -13.61 -24.62
N ILE D 145 -55.53 -14.51 -23.67
CA ILE D 145 -56.42 -14.93 -22.54
C ILE D 145 -56.80 -13.75 -21.58
N SER D 146 -56.00 -12.69 -21.67
CA SER D 146 -56.26 -11.44 -20.99
C SER D 146 -57.62 -10.77 -21.37
N SER D 147 -58.29 -11.26 -22.45
CA SER D 147 -59.58 -10.68 -23.00
C SER D 147 -60.79 -10.57 -22.03
N SER D 148 -60.89 -11.59 -21.14
CA SER D 148 -61.77 -11.49 -19.95
C SER D 148 -61.82 -10.06 -19.34
N TYR D 149 -63.03 -9.72 -18.87
CA TYR D 149 -63.41 -8.36 -18.39
C TYR D 149 -62.91 -7.85 -16.98
N SER D 150 -62.64 -8.82 -16.08
CA SER D 150 -62.24 -8.53 -14.68
C SER D 150 -60.89 -7.79 -14.60
N PRO D 151 -60.89 -6.57 -13.97
CA PRO D 151 -59.66 -5.78 -13.62
C PRO D 151 -59.06 -6.07 -12.24
N SER D 152 -59.83 -6.81 -11.38
CA SER D 152 -59.26 -7.27 -10.05
C SER D 152 -57.81 -7.84 -10.16
N ALA D 153 -57.61 -8.40 -11.40
CA ALA D 153 -56.47 -9.35 -11.58
C ALA D 153 -55.84 -9.18 -12.99
N LEU D 154 -56.55 -8.31 -13.84
CA LEU D 154 -55.96 -7.89 -15.12
C LEU D 154 -54.73 -6.97 -14.91
N LYS D 155 -54.81 -6.13 -13.86
CA LYS D 155 -53.69 -5.24 -13.49
C LYS D 155 -52.52 -5.93 -12.78
N SER D 156 -52.81 -6.87 -11.88
CA SER D 156 -51.76 -7.68 -11.23
C SER D 156 -50.98 -8.55 -12.22
N PHE D 157 -51.62 -8.90 -13.33
CA PHE D 157 -50.92 -9.48 -14.49
C PHE D 157 -50.04 -8.42 -15.19
N SER D 158 -50.59 -7.21 -15.39
CA SER D 158 -49.86 -6.06 -15.99
C SER D 158 -48.54 -5.79 -15.27
N GLN D 159 -48.60 -5.90 -13.94
CA GLN D 159 -47.45 -5.86 -13.05
C GLN D 159 -46.41 -6.88 -13.46
N THR D 160 -46.79 -8.15 -13.47
CA THR D 160 -45.87 -9.22 -13.86
C THR D 160 -45.13 -8.84 -15.13
N LEU D 161 -45.87 -8.33 -16.13
CA LEU D 161 -45.25 -7.90 -17.37
C LEU D 161 -44.26 -6.77 -17.11
N VAL D 162 -44.68 -5.74 -16.37
CA VAL D 162 -43.80 -4.55 -16.22
C VAL D 162 -42.58 -4.79 -15.35
N ASN D 163 -42.68 -5.65 -14.33
CA ASN D 163 -41.48 -5.96 -13.57
C ASN D 163 -40.61 -7.00 -14.29
N SER D 164 -41.19 -7.69 -15.26
CA SER D 164 -40.38 -8.47 -16.19
C SER D 164 -39.72 -7.54 -17.23
N LEU D 165 -40.51 -6.62 -17.76
CA LEU D 165 -39.99 -5.55 -18.64
C LEU D 165 -38.80 -4.74 -18.06
N GLU D 166 -38.84 -4.45 -16.74
CA GLU D 166 -37.71 -3.80 -16.01
C GLU D 166 -36.53 -4.76 -15.95
N PHE D 167 -36.80 -6.05 -15.77
CA PHE D 167 -35.75 -7.06 -15.72
C PHE D 167 -35.05 -7.19 -17.04
N LEU D 168 -35.80 -7.25 -18.13
CA LEU D 168 -35.17 -7.35 -19.43
C LEU D 168 -34.35 -6.12 -19.69
N ASN D 169 -34.89 -4.93 -19.40
CA ASN D 169 -34.08 -3.73 -19.51
C ASN D 169 -32.79 -3.80 -18.66
N ILE D 170 -32.91 -4.26 -17.41
CA ILE D 170 -31.74 -4.47 -16.53
C ILE D 170 -30.75 -5.50 -17.09
N GLN D 171 -31.27 -6.62 -17.56
CA GLN D 171 -30.42 -7.65 -18.15
C GLN D 171 -29.76 -7.12 -19.42
N LYS D 172 -30.48 -6.29 -20.17
CA LYS D 172 -29.98 -5.75 -21.45
C LYS D 172 -28.72 -4.92 -21.35
N ASN D 173 -28.71 -3.90 -20.49
CA ASN D 173 -27.51 -3.09 -20.38
C ASN D 173 -26.37 -3.78 -19.57
N SER D 174 -26.71 -4.76 -18.72
CA SER D 174 -25.67 -5.57 -18.06
C SER D 174 -24.87 -6.32 -19.12
N THR D 175 -25.57 -6.83 -20.14
CA THR D 175 -24.94 -7.42 -21.31
C THR D 175 -24.25 -6.33 -22.09
N LEU D 176 -24.97 -5.24 -22.32
CA LEU D 176 -24.42 -4.11 -23.02
C LEU D 176 -23.12 -3.56 -22.36
N SER D 177 -23.01 -3.68 -21.03
CA SER D 177 -21.81 -3.33 -20.28
C SER D 177 -20.70 -4.28 -20.66
N GLU D 178 -20.98 -5.56 -20.49
CA GLU D 178 -20.03 -6.60 -20.83
C GLU D 178 -19.47 -6.34 -22.24
N ILE D 179 -20.31 -5.83 -23.14
CA ILE D 179 -19.86 -5.47 -24.50
C ILE D 179 -18.73 -4.47 -24.42
N ARG D 180 -18.94 -3.35 -23.75
CA ARG D 180 -17.86 -2.36 -23.64
C ARG D 180 -16.63 -2.93 -22.91
N ASP D 181 -16.82 -3.79 -21.90
CA ASP D 181 -15.69 -4.38 -21.17
C ASP D 181 -14.76 -5.11 -22.11
N ILE D 182 -15.32 -5.93 -23.00
CA ILE D 182 -14.46 -6.66 -23.90
C ILE D 182 -14.09 -5.77 -25.08
N GLU D 183 -14.81 -4.68 -25.26
CA GLU D 183 -14.45 -3.72 -26.27
C GLU D 183 -13.15 -3.00 -25.86
N VAL D 184 -13.02 -2.69 -24.58
CA VAL D 184 -11.78 -2.12 -24.05
C VAL D 184 -10.68 -3.15 -24.08
N GLU D 185 -11.03 -4.42 -23.93
CA GLU D 185 -10.00 -5.45 -23.93
C GLU D 185 -9.41 -5.50 -25.32
N VAL D 186 -10.25 -5.32 -26.33
CA VAL D 186 -9.76 -5.30 -27.70
C VAL D 186 -8.85 -4.11 -27.89
N GLU D 187 -9.23 -2.94 -27.40
CA GLU D 187 -8.29 -1.83 -27.51
C GLU D 187 -6.97 -2.05 -26.75
N ASN D 188 -7.02 -2.23 -25.42
CA ASN D 188 -5.79 -2.45 -24.64
C ASN D 188 -4.93 -3.50 -25.31
N LEU D 189 -5.58 -4.59 -25.68
CA LEU D 189 -4.90 -5.66 -26.39
C LEU D 189 -4.38 -5.19 -27.75
N ARG D 190 -5.19 -4.47 -28.54
CA ARG D 190 -4.77 -4.06 -29.90
C ARG D 190 -3.56 -3.13 -29.88
N GLN D 191 -3.47 -2.32 -28.83
CA GLN D 191 -2.31 -1.44 -28.70
C GLN D 191 -1.10 -2.17 -28.11
N LYS D 192 -1.34 -3.15 -27.25
CA LYS D 192 -0.25 -4.01 -26.74
C LYS D 192 0.36 -4.75 -27.92
N LYS D 193 -0.42 -4.88 -28.99
CA LYS D 193 0.01 -5.55 -30.22
C LYS D 193 1.02 -4.73 -30.96
N GLU D 194 0.64 -3.52 -31.30
CA GLU D 194 1.56 -2.78 -32.12
C GLU D 194 2.78 -2.24 -31.33
N LYS D 195 2.63 -2.03 -30.01
CA LYS D 195 3.79 -1.71 -29.14
C LYS D 195 4.83 -2.81 -29.31
N LEU D 196 4.34 -4.04 -29.22
CA LEU D 196 5.12 -5.24 -29.43
C LEU D 196 5.57 -5.37 -30.88
N LEU D 197 4.72 -4.93 -31.83
CA LEU D 197 5.08 -4.94 -33.25
C LEU D 197 6.11 -3.87 -33.55
N GLY D 198 6.12 -2.83 -32.73
CA GLY D 198 7.12 -1.80 -32.82
C GLY D 198 8.48 -2.38 -32.46
N LYS D 199 8.50 -3.20 -31.41
CA LYS D 199 9.71 -3.93 -30.99
C LYS D 199 10.30 -4.84 -32.09
N ILE D 200 9.50 -5.38 -33.02
CA ILE D 200 10.11 -6.11 -34.15
C ILE D 200 10.95 -5.13 -34.93
N ALA D 201 10.42 -3.93 -35.17
CA ALA D 201 11.14 -2.89 -35.90
C ALA D 201 12.39 -2.44 -35.13
N ASN D 202 12.21 -2.27 -33.81
CA ASN D 202 13.27 -2.05 -32.81
C ASN D 202 14.48 -2.97 -33.09
N ILE D 203 14.21 -4.28 -33.17
CA ILE D 203 15.25 -5.33 -33.33
C ILE D 203 15.30 -5.86 -34.77
N GLU D 204 14.49 -5.29 -35.65
CA GLU D 204 14.54 -5.66 -37.06
C GLU D 204 15.64 -4.84 -37.71
N GLN D 205 15.75 -3.58 -37.29
CA GLN D 205 16.88 -2.72 -37.71
C GLN D 205 18.10 -2.96 -36.83
N ASN D 206 17.93 -3.15 -35.52
CA ASN D 206 19.07 -3.41 -34.62
C ASN D 206 19.77 -4.72 -34.98
N GLN D 207 19.02 -5.66 -35.58
CA GLN D 207 19.60 -6.85 -36.22
C GLN D 207 20.24 -6.48 -37.57
N LEU D 208 19.65 -5.48 -38.22
CA LEU D 208 20.12 -4.97 -39.52
C LEU D 208 21.52 -4.32 -39.44
N LEU D 209 21.80 -3.70 -38.29
CA LEU D 209 23.14 -3.16 -37.92
C LEU D 209 24.15 -4.28 -37.84
N LEU D 210 23.91 -5.29 -37.01
CA LEU D 210 24.88 -6.37 -36.78
C LEU D 210 25.16 -7.16 -38.05
N GLU D 211 24.13 -7.42 -38.86
CA GLU D 211 24.34 -8.11 -40.15
C GLU D 211 25.22 -7.30 -41.12
N ASP D 212 25.01 -5.99 -41.14
CA ASP D 212 25.90 -5.05 -41.82
C ASP D 212 27.29 -4.93 -41.16
N ASN D 213 27.30 -4.66 -39.85
CA ASN D 213 28.51 -4.49 -39.01
C ASN D 213 29.33 -5.75 -39.12
N LEU D 214 28.66 -6.91 -39.30
CA LEU D 214 29.32 -8.19 -39.65
C LEU D 214 29.96 -8.09 -41.02
N LYS D 215 29.17 -7.65 -42.00
CA LYS D 215 29.63 -7.53 -43.38
C LYS D 215 31.02 -6.88 -43.57
N GLN D 216 31.24 -5.73 -42.91
CA GLN D 216 32.53 -5.00 -42.95
C GLN D 216 33.72 -5.86 -42.49
N ILE D 217 33.50 -6.71 -41.48
CA ILE D 217 34.54 -7.63 -40.98
C ILE D 217 34.57 -9.00 -41.70
N ASP D 218 33.53 -9.25 -42.50
CA ASP D 218 33.59 -10.33 -43.49
C ASP D 218 34.52 -9.90 -44.62
N ASP D 219 34.23 -8.72 -45.19
CA ASP D 219 34.90 -8.20 -46.41
C ASP D 219 36.37 -7.73 -46.27
N ARG D 220 36.74 -7.17 -45.11
CA ARG D 220 38.15 -6.87 -44.81
C ARG D 220 38.88 -8.11 -44.21
N LEU D 221 38.14 -9.18 -43.87
CA LEU D 221 38.78 -10.51 -43.68
C LEU D 221 39.25 -11.13 -45.02
N ASP D 222 38.76 -10.57 -46.14
CA ASP D 222 39.15 -10.97 -47.54
C ASP D 222 40.30 -10.12 -48.18
N PHE D 223 40.47 -8.89 -47.64
CA PHE D 223 41.61 -7.96 -47.92
C PHE D 223 42.84 -8.45 -47.17
N LEU D 224 42.65 -8.92 -45.92
CA LEU D 224 43.72 -9.52 -45.12
C LEU D 224 43.94 -11.01 -45.52
N GLU D 225 43.15 -11.49 -46.48
CA GLU D 225 43.34 -12.82 -47.09
C GLU D 225 44.46 -12.81 -48.14
N GLU D 226 44.46 -11.76 -48.99
CA GLU D 226 45.51 -11.55 -50.03
C GLU D 226 46.92 -11.83 -49.48
N TYR D 227 47.12 -11.48 -48.20
CA TYR D 227 48.35 -11.72 -47.48
C TYR D 227 48.00 -12.78 -46.46
N GLY D 228 49.00 -13.57 -46.07
CA GLY D 228 48.78 -14.69 -45.14
C GLY D 228 48.52 -14.31 -43.69
N LEU D 229 48.80 -15.26 -42.80
CA LEU D 229 48.46 -15.19 -41.36
C LEU D 229 47.28 -16.17 -41.09
#